data_6XD1
#
_entry.id   6XD1
#
_cell.length_a   161.533
_cell.length_b   175.198
_cell.length_c   57.748
_cell.angle_alpha   90.00
_cell.angle_beta   90.00
_cell.angle_gamma   90.00
#
_symmetry.space_group_name_H-M   'C 2 2 21'
#
loop_
_entity.id
_entity.type
_entity.pdbx_description
1 polymer 'RNA-dependent RNA polymerase'
2 non-polymer 'ZINC ION'
3 non-polymer "(2R)-4-(butyl{[2'-(1H-tetrazol-5-yl)[1,1'-biphenyl]-4-yl]methyl}carbamoyl)-1-(2,2-diphenylpropanoyl)piperazine-2-carboxylic acid"
4 water water
#
_entity_poly.entity_id   1
_entity_poly.type   'polypeptide(L)'
_entity_poly.pdbx_seq_one_letter_code
;GSHMLDNMDVIGERIKRIKEEHNSTWHYDDENPYKTWAYHGSYEVKATGSASSMINGVVKLLTKPWDVVPMVTQMAMTDT
TPFGQQRVFKEKVDTRTPRPLPGTRKVMEITAEWLWRTLGRNKRPRLCTREEFTKKVRTNAAMGAVFTEENQWDSAKAAV
EDEEFWKLVDRERELHKLGKCGSCVYNMMGKREKKLGEFGKAKGSRAIWYMWLGVRYLEFEALGFLNEDHWFSRENSYSG
VEGEGLHKLGYILRDISKIPGGAMYADDTAGWDTRITEDDLHNEEKIIQQMDPEHRQLANAIFKLTYQNKVVKVQRPTPT
GTVMDIISRKDQRGSGQVGTYGLNTFTNMEAQLVRQMEGEGVLTKADLENPHLLEKKITQWLETKGVERLKRMAISGDDC
VVKPIDDRFANALLALNDMGKVRKDIPQWQPSKGWHDWQQVPFCSHHFHELIMKDGRKLVVPCRPQDELIGRARISQGAG
WSLRETACLGKAYAQMWSLMYFHRRDLRLASNAICSAVPVHWVPTSRTTWSIHAHHQWMTTEDMLTVWNRVWIEENPWME
DKTPVTTWENVPYLGKREDQWCGSLIGLTSRATWAQNIPTAIQQVRSLIGNEEFLDYMPSMKRFRKEEESEGAIW
;
_entity_poly.pdbx_strand_id   A
#
# COMPACT_ATOMS: atom_id res chain seq x y z
N MET A 8 -0.03 27.93 -14.60
CA MET A 8 0.29 27.46 -15.95
C MET A 8 1.78 27.51 -16.28
N ASP A 9 2.59 28.29 -15.53
CA ASP A 9 4.03 28.31 -15.79
C ASP A 9 4.75 27.06 -15.22
N VAL A 10 4.16 26.38 -14.23
CA VAL A 10 4.74 25.17 -13.67
C VAL A 10 4.35 23.95 -14.53
N ILE A 11 3.09 23.91 -15.00
CA ILE A 11 2.59 22.76 -15.76
C ILE A 11 2.56 22.93 -17.28
N GLY A 12 2.80 24.12 -17.76
CA GLY A 12 2.75 24.46 -19.19
C GLY A 12 3.62 23.66 -20.13
N GLU A 13 4.90 23.43 -19.79
CA GLU A 13 5.81 22.68 -20.65
C GLU A 13 5.37 21.23 -20.81
N ARG A 14 4.89 20.60 -19.72
CA ARG A 14 4.41 19.22 -19.80
C ARG A 14 3.21 19.12 -20.75
N ILE A 15 2.27 20.08 -20.65
CA ILE A 15 1.08 20.11 -21.51
C ILE A 15 1.45 20.42 -22.96
N LYS A 16 2.42 21.33 -23.16
CA LYS A 16 2.90 21.71 -24.51
C LYS A 16 3.51 20.51 -25.22
N ARG A 17 4.30 19.70 -24.51
CA ARG A 17 4.90 18.50 -25.12
C ARG A 17 3.86 17.46 -25.48
N ILE A 18 2.83 17.30 -24.64
CA ILE A 18 1.79 16.30 -24.89
C ILE A 18 0.96 16.72 -26.10
N LYS A 19 0.55 17.99 -26.11
CA LYS A 19 -0.22 18.66 -27.16
C LYS A 19 0.52 18.52 -28.51
N GLU A 20 1.84 18.74 -28.53
CA GLU A 20 2.63 18.62 -29.74
C GLU A 20 2.78 17.17 -30.24
N GLU A 21 2.98 16.22 -29.33
CA GLU A 21 3.09 14.82 -29.67
C GLU A 21 1.78 14.28 -30.25
N HIS A 22 0.63 14.78 -29.75
CA HIS A 22 -0.66 14.28 -30.22
C HIS A 22 -1.45 15.35 -30.97
N ASN A 23 -0.75 16.23 -31.71
CA ASN A 23 -1.35 17.33 -32.47
C ASN A 23 -2.46 16.92 -33.44
N SER A 24 -2.42 15.69 -33.98
CA SER A 24 -3.42 15.26 -34.96
C SER A 24 -4.81 15.09 -34.37
N THR A 25 -4.92 14.71 -33.08
CA THR A 25 -6.25 14.54 -32.47
C THR A 25 -6.50 15.42 -31.26
N TRP A 26 -5.53 16.28 -30.86
CA TRP A 26 -5.69 17.15 -29.70
C TRP A 26 -6.88 18.09 -29.84
N HIS A 27 -7.75 18.10 -28.84
CA HIS A 27 -8.93 18.95 -28.84
C HIS A 27 -9.37 19.26 -27.41
N TYR A 28 -10.20 20.29 -27.26
CA TYR A 28 -10.76 20.61 -25.96
C TYR A 28 -12.17 20.01 -25.99
N ASP A 29 -12.45 19.03 -25.13
CA ASP A 29 -13.77 18.39 -25.07
C ASP A 29 -14.61 19.17 -24.06
N ASP A 30 -15.61 19.90 -24.55
CA ASP A 30 -16.51 20.71 -23.74
C ASP A 30 -17.41 19.89 -22.81
N GLU A 31 -17.52 18.58 -23.04
CA GLU A 31 -18.33 17.73 -22.19
C GLU A 31 -17.44 16.82 -21.29
N ASN A 32 -16.24 17.32 -20.94
CA ASN A 32 -15.35 16.65 -19.99
C ASN A 32 -16.05 16.72 -18.59
N PRO A 33 -15.90 15.69 -17.76
CA PRO A 33 -16.63 15.65 -16.49
C PRO A 33 -15.93 16.28 -15.28
N TYR A 34 -14.77 16.88 -15.46
CA TYR A 34 -13.95 17.39 -14.34
C TYR A 34 -14.53 18.62 -13.68
N LYS A 35 -14.73 18.55 -12.36
CA LYS A 35 -15.30 19.67 -11.60
C LYS A 35 -14.30 20.32 -10.68
N THR A 36 -13.39 19.53 -10.08
CA THR A 36 -12.38 20.07 -9.15
C THR A 36 -10.95 19.98 -9.69
N TRP A 37 -10.73 19.27 -10.80
CA TRP A 37 -9.42 19.21 -11.44
C TRP A 37 -9.47 20.16 -12.64
N ALA A 38 -8.36 20.86 -12.95
CA ALA A 38 -8.31 21.71 -14.13
C ALA A 38 -8.20 20.78 -15.32
N TYR A 39 -8.97 21.01 -16.37
CA TYR A 39 -8.95 20.18 -17.56
C TYR A 39 -8.24 20.93 -18.68
N HIS A 40 -7.26 20.30 -19.35
CA HIS A 40 -6.47 21.01 -20.35
C HIS A 40 -6.76 20.60 -21.78
N GLY A 41 -7.15 19.34 -21.98
CA GLY A 41 -7.44 18.84 -23.30
C GLY A 41 -7.42 17.33 -23.38
N SER A 42 -7.77 16.81 -24.57
CA SER A 42 -7.86 15.40 -24.83
C SER A 42 -7.24 15.04 -26.17
N TYR A 43 -6.88 13.79 -26.32
CA TYR A 43 -6.41 13.22 -27.58
C TYR A 43 -6.93 11.80 -27.72
N GLU A 44 -7.11 11.30 -28.95
CA GLU A 44 -7.61 9.95 -29.17
C GLU A 44 -6.57 8.95 -28.74
N VAL A 45 -7.01 7.88 -28.10
CA VAL A 45 -6.10 6.86 -27.61
C VAL A 45 -6.76 5.48 -27.66
N LYS A 46 -5.94 4.43 -27.65
CA LYS A 46 -6.45 3.08 -27.57
C LYS A 46 -6.82 2.80 -26.09
N ALA A 47 -7.96 2.16 -25.85
CA ALA A 47 -8.40 1.86 -24.50
C ALA A 47 -7.52 0.80 -23.85
N THR A 48 -7.13 1.03 -22.59
CA THR A 48 -6.32 0.06 -21.87
C THR A 48 -7.17 -0.63 -20.77
N GLY A 49 -6.58 -1.60 -20.07
CA GLY A 49 -7.27 -2.28 -18.99
C GLY A 49 -8.24 -3.35 -19.43
N SER A 50 -8.85 -4.01 -18.45
CA SER A 50 -9.82 -5.06 -18.70
C SER A 50 -10.95 -4.97 -17.65
N ALA A 51 -12.14 -5.45 -18.03
CA ALA A 51 -13.32 -5.37 -17.16
C ALA A 51 -13.25 -6.27 -15.93
N SER A 52 -12.42 -7.32 -15.97
CA SER A 52 -12.27 -8.23 -14.85
C SER A 52 -10.87 -8.89 -14.84
N SER A 53 -10.50 -9.51 -13.73
CA SER A 53 -9.19 -10.16 -13.60
C SER A 53 -9.24 -11.60 -14.12
N MET A 54 -8.13 -12.12 -14.70
CA MET A 54 -8.11 -13.51 -15.14
C MET A 54 -7.99 -14.41 -13.90
N ILE A 55 -8.63 -15.59 -13.95
CA ILE A 55 -8.64 -16.54 -12.87
C ILE A 55 -7.48 -17.53 -12.98
N ASN A 56 -6.83 -17.82 -11.86
CA ASN A 56 -5.78 -18.81 -11.76
C ASN A 56 -6.47 -20.18 -11.73
N GLY A 57 -6.38 -20.91 -12.82
CA GLY A 57 -7.03 -22.21 -12.92
C GLY A 57 -6.52 -23.23 -11.91
N VAL A 58 -5.23 -23.18 -11.57
CA VAL A 58 -4.68 -24.12 -10.59
C VAL A 58 -5.34 -23.90 -9.21
N VAL A 59 -5.39 -22.63 -8.74
CA VAL A 59 -6.01 -22.35 -7.45
C VAL A 59 -7.50 -22.66 -7.47
N LYS A 60 -8.21 -22.25 -8.52
CA LYS A 60 -9.65 -22.49 -8.63
C LYS A 60 -10.00 -23.99 -8.55
N LEU A 61 -9.25 -24.83 -9.27
CA LEU A 61 -9.50 -26.26 -9.28
C LEU A 61 -9.35 -26.87 -7.88
N LEU A 62 -8.41 -26.35 -7.10
CA LEU A 62 -8.13 -26.88 -5.77
C LEU A 62 -8.92 -26.18 -4.64
N THR A 63 -9.87 -25.28 -4.99
CA THR A 63 -10.70 -24.58 -4.01
C THR A 63 -12.15 -24.56 -4.48
N LYS A 64 -12.65 -25.72 -4.95
CA LYS A 64 -14.01 -25.87 -5.46
C LYS A 64 -15.13 -25.34 -4.54
N PRO A 65 -15.14 -25.55 -3.20
CA PRO A 65 -16.22 -25.01 -2.38
C PRO A 65 -16.36 -23.48 -2.43
N TRP A 66 -15.30 -22.76 -2.87
CA TRP A 66 -15.32 -21.30 -2.96
C TRP A 66 -15.76 -20.77 -4.33
N ASP A 67 -16.09 -21.66 -5.27
CA ASP A 67 -16.60 -21.25 -6.59
C ASP A 67 -17.94 -20.50 -6.39
N VAL A 68 -18.74 -20.83 -5.36
CA VAL A 68 -20.01 -20.16 -5.15
C VAL A 68 -19.79 -18.77 -4.49
N VAL A 69 -19.15 -18.79 -3.29
CA VAL A 69 -18.88 -17.71 -2.36
C VAL A 69 -18.82 -16.30 -3.01
N PRO A 70 -19.80 -15.46 -2.64
CA PRO A 70 -19.87 -14.11 -3.24
C PRO A 70 -18.63 -13.23 -3.13
N MET A 71 -17.95 -13.14 -1.97
CA MET A 71 -16.75 -12.28 -1.87
C MET A 71 -15.66 -12.78 -2.80
N VAL A 72 -15.53 -14.12 -2.96
CA VAL A 72 -14.53 -14.68 -3.87
C VAL A 72 -14.77 -14.21 -5.32
N THR A 73 -16.03 -14.20 -5.78
CA THR A 73 -16.40 -13.72 -7.12
C THR A 73 -16.15 -12.20 -7.29
N GLN A 74 -16.45 -11.39 -6.27
CA GLN A 74 -16.27 -9.93 -6.34
C GLN A 74 -14.81 -9.53 -6.52
N MET A 75 -13.88 -10.25 -5.88
CA MET A 75 -12.45 -9.92 -5.96
C MET A 75 -11.89 -9.93 -7.36
N ALA A 76 -12.47 -10.72 -8.24
CA ALA A 76 -12.03 -10.79 -9.63
C ALA A 76 -12.75 -9.76 -10.53
N MET A 77 -13.60 -8.88 -9.96
CA MET A 77 -14.36 -7.92 -10.75
C MET A 77 -13.77 -6.51 -10.71
N THR A 78 -12.44 -6.40 -10.72
CA THR A 78 -11.81 -5.08 -10.76
C THR A 78 -11.83 -4.62 -12.21
N ASP A 79 -12.34 -3.40 -12.46
CA ASP A 79 -12.44 -2.88 -13.81
C ASP A 79 -11.43 -1.77 -14.03
N THR A 80 -10.44 -2.01 -14.89
CA THR A 80 -9.43 -0.98 -15.20
C THR A 80 -9.57 -0.37 -16.59
N THR A 81 -10.70 -0.61 -17.28
CA THR A 81 -10.96 -0.01 -18.59
C THR A 81 -11.24 1.50 -18.40
N PRO A 82 -11.38 2.27 -19.48
CA PRO A 82 -11.74 3.70 -19.33
C PRO A 82 -13.01 3.92 -18.49
N PHE A 83 -13.97 2.96 -18.56
CA PHE A 83 -15.19 3.06 -17.77
C PHE A 83 -14.86 2.97 -16.28
N GLY A 84 -14.03 2.00 -15.90
CA GLY A 84 -13.59 1.84 -14.53
C GLY A 84 -12.73 2.99 -14.04
N GLN A 85 -11.89 3.55 -14.93
CA GLN A 85 -11.03 4.69 -14.58
C GLN A 85 -11.88 5.91 -14.24
N GLN A 86 -12.92 6.15 -15.04
CA GLN A 86 -13.82 7.28 -14.81
C GLN A 86 -14.72 7.08 -13.56
N ARG A 87 -15.17 5.84 -13.33
CA ARG A 87 -16.04 5.50 -12.20
C ARG A 87 -15.35 5.82 -10.86
N VAL A 88 -14.11 5.35 -10.68
CA VAL A 88 -13.33 5.59 -9.48
C VAL A 88 -13.04 7.09 -9.35
N PHE A 89 -12.69 7.73 -10.46
CA PHE A 89 -12.41 9.15 -10.48
C PHE A 89 -13.59 9.99 -9.98
N LYS A 90 -14.78 9.77 -10.54
CA LYS A 90 -15.98 10.52 -10.17
C LYS A 90 -16.46 10.25 -8.74
N GLU A 91 -16.39 8.99 -8.31
CA GLU A 91 -16.91 8.64 -6.99
C GLU A 91 -15.93 8.97 -5.86
N LYS A 92 -14.61 9.07 -6.15
CA LYS A 92 -13.64 9.30 -5.07
C LYS A 92 -12.67 10.49 -5.22
N VAL A 93 -12.19 10.79 -6.41
CA VAL A 93 -11.11 11.75 -6.60
C VAL A 93 -11.52 13.19 -7.01
N ASP A 94 -12.75 13.37 -7.49
CA ASP A 94 -13.19 14.68 -7.94
C ASP A 94 -13.91 15.48 -6.86
N THR A 95 -13.23 15.72 -5.74
CA THR A 95 -13.76 16.49 -4.60
C THR A 95 -12.76 17.58 -4.16
N ARG A 96 -13.25 18.52 -3.35
CA ARG A 96 -12.48 19.62 -2.77
C ARG A 96 -12.54 19.43 -1.23
N THR A 97 -11.39 19.45 -0.54
CA THR A 97 -11.39 19.31 0.93
C THR A 97 -11.45 20.72 1.47
N PRO A 98 -12.44 21.05 2.33
CA PRO A 98 -12.51 22.42 2.90
C PRO A 98 -11.20 22.80 3.60
N ARG A 99 -10.74 24.05 3.47
CA ARG A 99 -9.48 24.43 4.08
C ARG A 99 -9.57 24.38 5.60
N PRO A 100 -8.60 23.73 6.28
CA PRO A 100 -8.60 23.75 7.74
C PRO A 100 -8.58 25.19 8.30
N LEU A 101 -9.11 25.35 9.51
CA LEU A 101 -9.15 26.64 10.21
C LEU A 101 -7.73 27.13 10.54
N PRO A 102 -7.57 28.44 10.82
CA PRO A 102 -6.22 29.00 11.06
C PRO A 102 -5.50 28.45 12.29
N GLY A 103 -6.26 28.14 13.35
CA GLY A 103 -5.65 27.54 14.54
C GLY A 103 -5.24 26.12 14.25
N THR A 104 -6.09 25.38 13.51
CA THR A 104 -5.72 24.01 13.10
C THR A 104 -4.42 24.03 12.25
N ARG A 105 -4.33 24.97 11.28
CA ARG A 105 -3.13 25.11 10.43
C ARG A 105 -1.90 25.41 11.27
N LYS A 106 -2.06 26.28 12.28
CA LYS A 106 -0.95 26.59 13.17
C LYS A 106 -0.44 25.37 13.97
N VAL A 107 -1.35 24.59 14.61
CA VAL A 107 -0.96 23.40 15.37
C VAL A 107 -0.28 22.38 14.47
N MET A 108 -0.81 22.22 13.26
CA MET A 108 -0.23 21.30 12.28
C MET A 108 1.18 21.70 11.92
N GLU A 109 1.41 23.00 11.69
CA GLU A 109 2.72 23.53 11.33
C GLU A 109 3.72 23.32 12.49
N ILE A 110 3.29 23.60 13.73
CA ILE A 110 4.15 23.42 14.89
C ILE A 110 4.54 21.95 15.06
N THR A 111 3.53 21.06 14.99
CA THR A 111 3.71 19.63 15.13
C THR A 111 4.59 19.05 14.04
N ALA A 112 4.39 19.45 12.75
CA ALA A 112 5.20 18.96 11.63
C ALA A 112 6.68 19.33 11.79
N GLU A 113 6.96 20.59 12.22
CA GLU A 113 8.35 21.03 12.44
C GLU A 113 8.99 20.19 13.53
N TRP A 114 8.27 19.96 14.63
CA TRP A 114 8.79 19.13 15.74
C TRP A 114 9.01 17.70 15.25
N LEU A 115 8.07 17.17 14.49
CA LEU A 115 8.11 15.79 14.02
C LEU A 115 9.27 15.53 13.04
N TRP A 116 9.49 16.41 12.06
CA TRP A 116 10.63 16.22 11.13
C TRP A 116 11.96 16.30 11.91
N ARG A 117 12.04 17.21 12.88
CA ARG A 117 13.24 17.36 13.73
C ARG A 117 13.48 16.09 14.52
N THR A 118 12.41 15.49 15.07
CA THR A 118 12.50 14.23 15.79
C THR A 118 12.93 13.06 14.87
N LEU A 119 12.35 12.99 13.67
CA LEU A 119 12.67 11.92 12.70
C LEU A 119 14.10 12.02 12.16
N GLY A 120 14.64 13.23 12.09
CA GLY A 120 15.98 13.43 11.58
C GLY A 120 17.04 13.61 12.67
N ARG A 121 16.76 13.12 13.89
CA ARG A 121 17.69 13.30 15.02
C ARG A 121 19.01 12.51 14.86
N ASN A 122 18.95 11.33 14.24
CA ASN A 122 20.11 10.44 14.03
C ASN A 122 20.45 10.34 12.56
N LYS A 123 19.45 10.41 11.68
CA LYS A 123 19.66 10.24 10.25
C LYS A 123 19.70 11.56 9.52
N ARG A 124 20.47 11.60 8.46
CA ARG A 124 20.57 12.78 7.61
C ARG A 124 20.00 12.40 6.23
N PRO A 125 19.16 13.24 5.60
CA PRO A 125 18.68 12.91 4.25
C PRO A 125 19.84 12.82 3.27
N ARG A 126 19.65 12.03 2.23
CA ARG A 126 20.66 11.87 1.19
C ARG A 126 19.96 11.56 -0.13
N LEU A 127 20.68 11.73 -1.24
CA LEU A 127 20.20 11.39 -2.56
C LEU A 127 20.33 9.89 -2.78
N CYS A 128 19.39 9.33 -3.53
CA CYS A 128 19.45 7.94 -3.94
C CYS A 128 19.98 7.92 -5.36
N THR A 129 20.56 6.79 -5.78
CA THR A 129 21.34 6.76 -7.00
C THR A 129 20.81 5.86 -8.13
N ARG A 130 21.41 6.02 -9.33
CA ARG A 130 21.13 5.19 -10.50
C ARG A 130 21.34 3.69 -10.18
N GLU A 131 22.49 3.32 -9.58
CA GLU A 131 22.77 1.92 -9.28
C GLU A 131 21.86 1.37 -8.19
N GLU A 132 21.42 2.22 -7.26
CA GLU A 132 20.50 1.80 -6.21
C GLU A 132 19.15 1.44 -6.85
N PHE A 133 18.65 2.31 -7.75
CA PHE A 133 17.39 2.11 -8.46
C PHE A 133 17.50 0.87 -9.34
N THR A 134 18.61 0.75 -10.11
CA THR A 134 18.87 -0.40 -10.98
C THR A 134 18.87 -1.71 -10.17
N LYS A 135 19.55 -1.73 -9.00
CA LYS A 135 19.65 -2.90 -8.13
C LYS A 135 18.26 -3.29 -7.62
N LYS A 136 17.39 -2.31 -7.30
CA LYS A 136 16.03 -2.60 -6.87
C LYS A 136 15.27 -3.28 -8.01
N VAL A 137 15.32 -2.69 -9.22
CA VAL A 137 14.67 -3.24 -10.41
C VAL A 137 15.11 -4.70 -10.66
N ARG A 138 16.43 -4.96 -10.63
CA ARG A 138 16.99 -6.28 -10.85
C ARG A 138 16.62 -7.31 -9.77
N THR A 139 16.59 -6.92 -8.47
CA THR A 139 16.21 -7.86 -7.41
C THR A 139 14.69 -8.18 -7.45
N ASN A 140 13.88 -7.27 -7.98
CA ASN A 140 12.43 -7.49 -8.11
C ASN A 140 12.05 -8.17 -9.45
N ALA A 141 13.03 -8.54 -10.28
CA ALA A 141 12.79 -9.20 -11.56
C ALA A 141 13.13 -10.70 -11.49
N ASP A 154 11.20 -8.29 -18.89
CA ASP A 154 10.85 -7.21 -17.95
C ASP A 154 11.25 -5.87 -18.56
N SER A 155 10.26 -5.01 -18.77
CA SER A 155 10.50 -3.70 -19.38
C SER A 155 11.23 -2.71 -18.47
N ALA A 156 11.11 -2.83 -17.13
CA ALA A 156 11.86 -1.94 -16.22
C ALA A 156 13.36 -2.31 -16.28
N LYS A 157 13.66 -3.62 -16.32
CA LYS A 157 15.03 -4.11 -16.42
C LYS A 157 15.65 -3.70 -17.75
N ALA A 158 14.87 -3.73 -18.85
CA ALA A 158 15.39 -3.32 -20.15
C ALA A 158 15.68 -1.84 -20.15
N ALA A 159 14.77 -1.04 -19.56
CA ALA A 159 14.96 0.40 -19.49
C ALA A 159 16.24 0.77 -18.71
N VAL A 160 16.44 0.19 -17.50
CA VAL A 160 17.62 0.55 -16.69
C VAL A 160 18.95 0.06 -17.30
N GLU A 161 18.89 -0.91 -18.24
CA GLU A 161 20.11 -1.36 -18.94
C GLU A 161 20.40 -0.58 -20.22
N ASP A 162 19.55 0.41 -20.58
CA ASP A 162 19.73 1.23 -21.75
C ASP A 162 20.31 2.58 -21.34
N GLU A 163 21.51 2.92 -21.86
CA GLU A 163 22.17 4.18 -21.55
C GLU A 163 21.33 5.42 -21.91
N GLU A 164 20.55 5.30 -22.99
CA GLU A 164 19.68 6.38 -23.46
C GLU A 164 18.57 6.73 -22.45
N PHE A 165 18.14 5.75 -21.64
CA PHE A 165 17.16 6.00 -20.59
C PHE A 165 17.79 6.99 -19.57
N TRP A 166 19.04 6.73 -19.17
CA TRP A 166 19.73 7.55 -18.21
C TRP A 166 20.11 8.93 -18.77
N LYS A 167 20.37 9.02 -20.08
CA LYS A 167 20.63 10.30 -20.71
C LYS A 167 19.34 11.15 -20.71
N LEU A 168 18.17 10.51 -20.92
CA LEU A 168 16.87 11.22 -20.86
C LEU A 168 16.66 11.68 -19.40
N VAL A 169 16.95 10.83 -18.42
CA VAL A 169 16.84 11.18 -16.98
C VAL A 169 17.69 12.46 -16.69
N ASP A 170 18.94 12.49 -17.22
CA ASP A 170 19.83 13.63 -17.02
C ASP A 170 19.27 14.93 -17.56
N ARG A 171 18.70 14.91 -18.75
CA ARG A 171 18.11 16.10 -19.35
C ARG A 171 16.93 16.61 -18.54
N GLU A 172 16.09 15.69 -18.03
CA GLU A 172 14.95 16.09 -17.22
C GLU A 172 15.44 16.66 -15.88
N ARG A 173 16.49 16.07 -15.29
CA ARG A 173 17.07 16.61 -14.05
C ARG A 173 17.58 18.04 -14.25
N GLU A 174 18.21 18.33 -15.41
CA GLU A 174 18.68 19.68 -15.69
C GLU A 174 17.52 20.68 -15.75
N LEU A 175 16.33 20.27 -16.26
CA LEU A 175 15.16 21.15 -16.23
C LEU A 175 14.74 21.36 -14.78
N HIS A 176 14.71 20.28 -13.97
CA HIS A 176 14.33 20.39 -12.57
C HIS A 176 15.24 21.36 -11.81
N LYS A 177 16.55 21.36 -12.11
CA LYS A 177 17.48 22.31 -11.48
C LYS A 177 17.18 23.78 -11.87
N LEU A 178 16.52 24.00 -13.00
CA LEU A 178 16.08 25.32 -13.43
C LEU A 178 14.64 25.65 -12.97
N GLY A 179 14.03 24.80 -12.15
CA GLY A 179 12.66 25.01 -11.68
C GLY A 179 11.63 24.71 -12.75
N LYS A 180 11.95 23.81 -13.70
CA LYS A 180 11.04 23.45 -14.78
C LYS A 180 10.86 21.93 -14.89
N CYS A 181 9.77 21.50 -15.54
CA CYS A 181 9.47 20.10 -15.69
C CYS A 181 8.92 19.86 -17.10
N GLY A 182 9.50 18.90 -17.79
CA GLY A 182 9.07 18.58 -19.14
C GLY A 182 8.31 17.28 -19.33
N SER A 183 8.60 16.25 -18.53
CA SER A 183 8.04 14.92 -18.77
C SER A 183 7.52 14.14 -17.56
N CYS A 184 7.41 14.75 -16.38
CA CYS A 184 6.92 14.03 -15.20
C CYS A 184 5.42 14.17 -15.09
N VAL A 185 4.72 13.29 -15.82
CA VAL A 185 3.27 13.23 -15.91
C VAL A 185 2.87 11.87 -15.39
N TYR A 186 1.95 11.86 -14.40
CA TYR A 186 1.50 10.59 -13.86
C TYR A 186 0.15 10.16 -14.51
N ASN A 187 -0.27 8.91 -14.29
CA ASN A 187 -1.50 8.45 -14.92
C ASN A 187 -2.38 7.64 -13.98
N MET A 188 -3.67 7.48 -14.34
CA MET A 188 -4.63 6.73 -13.54
C MET A 188 -5.08 5.42 -14.18
N MET A 189 -4.24 4.86 -15.04
CA MET A 189 -4.57 3.64 -15.83
C MET A 189 -4.02 2.34 -15.21
N GLY A 190 -3.09 2.42 -14.27
CA GLY A 190 -2.52 1.22 -13.65
C GLY A 190 -1.90 0.27 -14.67
N LYS A 191 -2.18 -1.05 -14.55
CA LYS A 191 -1.68 -2.01 -15.53
C LYS A 191 -2.58 -1.89 -16.78
N ARG A 192 -1.99 -1.53 -17.92
CA ARG A 192 -2.75 -1.29 -19.14
C ARG A 192 -2.93 -2.49 -20.06
N GLU A 193 -1.90 -3.34 -20.19
CA GLU A 193 -1.97 -4.49 -21.09
C GLU A 193 -3.04 -5.49 -20.71
N LYS A 194 -3.77 -5.96 -21.72
CA LYS A 194 -4.81 -6.99 -21.60
C LYS A 194 -4.22 -8.40 -21.72
N LYS A 195 -3.03 -8.51 -22.34
CA LYS A 195 -2.27 -9.73 -22.59
C LYS A 195 -0.81 -9.39 -22.37
N LEU A 196 -0.03 -10.34 -21.85
CA LEU A 196 1.41 -10.15 -21.60
C LEU A 196 2.15 -9.70 -22.88
N GLY A 197 2.81 -8.54 -22.80
CA GLY A 197 3.58 -8.02 -23.92
C GLY A 197 2.83 -7.22 -24.97
N GLU A 198 1.54 -6.94 -24.75
CA GLU A 198 0.72 -6.16 -25.70
C GLU A 198 1.41 -4.89 -26.25
N PHE A 199 2.02 -4.08 -25.37
CA PHE A 199 2.65 -2.84 -25.77
C PHE A 199 4.20 -2.87 -25.80
N GLY A 200 4.79 -4.01 -25.44
CA GLY A 200 6.24 -4.18 -25.38
C GLY A 200 7.00 -3.73 -26.60
N LYS A 201 6.43 -3.99 -27.80
CA LYS A 201 7.06 -3.58 -29.06
C LYS A 201 6.26 -2.53 -29.84
N ALA A 202 5.27 -1.88 -29.21
CA ALA A 202 4.44 -0.87 -29.86
C ALA A 202 5.17 0.44 -30.14
N LYS A 203 4.69 1.18 -31.15
CA LYS A 203 5.18 2.45 -31.67
C LYS A 203 5.97 3.33 -30.63
N GLY A 204 5.34 4.33 -30.02
CA GLY A 204 6.00 5.20 -29.06
C GLY A 204 5.86 4.76 -27.62
N SER A 205 5.73 3.46 -27.40
CA SER A 205 5.58 2.93 -26.04
C SER A 205 6.87 3.08 -25.25
N ARG A 206 8.02 2.86 -25.90
CA ARG A 206 9.34 2.98 -25.26
C ARG A 206 9.55 4.41 -24.73
N ALA A 207 9.24 5.43 -25.53
CA ALA A 207 9.39 6.81 -25.10
C ALA A 207 8.49 7.13 -23.91
N ILE A 208 7.23 6.67 -23.93
CA ILE A 208 6.27 6.90 -22.85
C ILE A 208 6.74 6.24 -21.55
N TRP A 209 7.15 4.97 -21.63
CA TRP A 209 7.66 4.20 -20.51
C TRP A 209 8.94 4.84 -19.91
N TYR A 210 9.87 5.29 -20.78
CA TYR A 210 11.12 5.91 -20.32
C TYR A 210 10.87 7.19 -19.54
N MET A 211 9.90 8.00 -20.00
CA MET A 211 9.52 9.25 -19.33
C MET A 211 8.87 8.99 -17.96
N TRP A 212 8.02 7.96 -17.85
CA TRP A 212 7.36 7.61 -16.59
C TRP A 212 8.35 7.01 -15.61
N LEU A 213 9.13 6.01 -16.05
CA LEU A 213 10.12 5.39 -15.18
C LEU A 213 11.23 6.39 -14.79
N GLY A 214 11.53 7.36 -15.67
CA GLY A 214 12.48 8.44 -15.43
C GLY A 214 11.95 9.41 -14.38
N VAL A 215 10.64 9.68 -14.41
CA VAL A 215 9.98 10.52 -13.40
C VAL A 215 10.05 9.82 -12.05
N ARG A 216 9.77 8.50 -12.03
CA ARG A 216 9.84 7.66 -10.85
C ARG A 216 11.29 7.65 -10.32
N TYR A 217 12.25 7.58 -11.23
CA TYR A 217 13.66 7.61 -10.80
C TYR A 217 14.00 8.94 -10.13
N LEU A 218 13.63 10.05 -10.74
CA LEU A 218 13.93 11.37 -10.18
C LEU A 218 13.28 11.58 -8.82
N GLU A 219 12.07 11.04 -8.65
CA GLU A 219 11.40 11.12 -7.36
C GLU A 219 12.16 10.24 -6.36
N PHE A 220 12.55 9.03 -6.77
CA PHE A 220 13.32 8.12 -5.94
C PHE A 220 14.67 8.75 -5.56
N GLU A 221 15.32 9.40 -6.51
CA GLU A 221 16.59 10.09 -6.26
C GLU A 221 16.46 11.14 -5.16
N ALA A 222 15.44 11.99 -5.20
CA ALA A 222 15.26 13.05 -4.22
C ALA A 222 14.52 12.67 -2.90
N LEU A 223 13.58 11.72 -2.94
CA LEU A 223 12.79 11.37 -1.73
C LEU A 223 12.86 9.89 -1.30
N GLY A 224 13.57 9.08 -2.05
CA GLY A 224 13.70 7.66 -1.75
C GLY A 224 14.41 7.36 -0.45
N PHE A 225 15.18 8.33 0.10
CA PHE A 225 15.88 8.11 1.36
C PHE A 225 14.91 7.73 2.50
N LEU A 226 13.67 8.25 2.47
CA LEU A 226 12.66 7.97 3.50
C LEU A 226 12.41 6.48 3.64
N ASN A 227 12.34 5.76 2.50
CA ASN A 227 12.14 4.32 2.53
C ASN A 227 13.50 3.60 2.64
N GLU A 228 14.50 3.99 1.80
CA GLU A 228 15.78 3.29 1.76
C GLU A 228 16.57 3.37 3.06
N ASP A 229 16.44 4.48 3.78
CA ASP A 229 17.13 4.64 5.06
C ASP A 229 16.22 4.48 6.29
N HIS A 230 15.04 3.86 6.10
CA HIS A 230 14.12 3.44 7.15
C HIS A 230 13.74 4.54 8.10
N TRP A 231 13.37 5.71 7.54
CA TRP A 231 12.95 6.82 8.38
C TRP A 231 11.72 6.49 9.20
N PHE A 232 10.84 5.65 8.68
CA PHE A 232 9.62 5.24 9.38
C PHE A 232 9.73 3.86 10.05
N SER A 233 10.97 3.43 10.36
CA SER A 233 11.15 2.22 11.18
C SER A 233 10.58 2.54 12.59
N ARG A 234 10.22 1.52 13.38
CA ARG A 234 9.70 1.75 14.72
C ARG A 234 10.76 2.39 15.61
N GLU A 235 12.04 1.99 15.46
CA GLU A 235 13.10 2.58 16.26
C GLU A 235 13.31 4.06 15.95
N ASN A 236 13.24 4.43 14.66
CA ASN A 236 13.44 5.84 14.30
C ASN A 236 12.22 6.72 14.55
N SER A 237 11.03 6.24 14.22
CA SER A 237 9.82 7.06 14.28
C SER A 237 8.89 6.87 15.48
N TYR A 238 9.12 5.80 16.27
CA TYR A 238 8.31 5.43 17.45
C TYR A 238 6.96 4.83 17.08
N SER A 239 6.18 5.51 16.23
CA SER A 239 4.88 5.04 15.77
C SER A 239 4.96 4.13 14.56
N GLY A 240 5.99 4.27 13.76
CA GLY A 240 6.08 3.54 12.49
C GLY A 240 6.29 2.05 12.65
N VAL A 241 6.04 1.32 11.57
CA VAL A 241 6.22 -0.13 11.49
C VAL A 241 6.97 -0.55 10.19
N GLU A 242 7.73 0.41 9.58
CA GLU A 242 8.42 0.12 8.32
C GLU A 242 9.56 -0.88 8.51
N GLY A 243 9.58 -1.91 7.67
CA GLY A 243 10.58 -2.96 7.77
C GLY A 243 10.28 -4.00 8.83
N GLU A 244 9.09 -3.95 9.47
CA GLU A 244 8.74 -4.94 10.49
C GLU A 244 8.28 -6.26 9.87
N GLY A 245 7.33 -6.18 8.96
CA GLY A 245 6.77 -7.37 8.34
C GLY A 245 5.41 -7.68 8.95
N LEU A 246 4.54 -8.31 8.17
CA LEU A 246 3.20 -8.68 8.60
C LEU A 246 3.21 -9.54 9.86
N HIS A 247 4.17 -10.46 9.93
CA HIS A 247 4.36 -11.38 11.06
C HIS A 247 4.81 -10.68 12.36
N LYS A 248 5.16 -9.40 12.32
CA LYS A 248 5.54 -8.67 13.52
C LYS A 248 4.48 -7.68 14.00
N LEU A 249 3.56 -7.27 13.12
CA LEU A 249 2.56 -6.25 13.44
C LEU A 249 1.67 -6.56 14.63
N GLY A 250 1.28 -7.82 14.77
CA GLY A 250 0.45 -8.24 15.88
C GLY A 250 1.16 -8.10 17.20
N TYR A 251 2.43 -8.50 17.21
CA TYR A 251 3.25 -8.39 18.41
C TYR A 251 3.38 -6.91 18.85
N ILE A 252 3.45 -6.00 17.88
CA ILE A 252 3.55 -4.56 18.14
C ILE A 252 2.23 -4.06 18.75
N LEU A 253 1.09 -4.50 18.21
CA LEU A 253 -0.21 -4.12 18.79
C LEU A 253 -0.33 -4.69 20.22
N ARG A 254 0.20 -5.93 20.43
CA ARG A 254 0.18 -6.52 21.77
C ARG A 254 1.04 -5.70 22.71
N ASP A 255 2.21 -5.23 22.26
CA ASP A 255 3.06 -4.37 23.10
C ASP A 255 2.40 -3.03 23.42
N ILE A 256 1.68 -2.47 22.45
CA ILE A 256 0.97 -1.21 22.70
C ILE A 256 -0.14 -1.39 23.74
N SER A 257 -0.84 -2.55 23.72
CA SER A 257 -1.92 -2.87 24.66
C SER A 257 -1.45 -2.81 26.14
N LYS A 258 -0.15 -2.97 26.39
CA LYS A 258 0.40 -2.93 27.75
C LYS A 258 0.62 -1.51 28.26
N ILE A 259 0.50 -0.48 27.39
CA ILE A 259 0.72 0.89 27.83
C ILE A 259 -0.51 1.37 28.55
N PRO A 260 -0.39 1.86 29.79
CA PRO A 260 -1.59 2.32 30.52
C PRO A 260 -2.33 3.43 29.76
N GLY A 261 -3.65 3.36 29.73
CA GLY A 261 -4.44 4.37 29.03
C GLY A 261 -5.84 3.92 28.71
N GLY A 262 -6.45 4.54 27.70
CA GLY A 262 -7.79 4.21 27.26
C GLY A 262 -7.80 3.05 26.29
N ALA A 263 -8.89 2.91 25.55
CA ALA A 263 -9.07 1.86 24.56
C ALA A 263 -8.09 2.07 23.34
N MET A 264 -8.03 1.10 22.42
CA MET A 264 -7.20 1.20 21.24
C MET A 264 -8.09 1.61 20.11
N TYR A 265 -7.80 2.76 19.49
CA TYR A 265 -8.65 3.29 18.44
C TYR A 265 -7.98 3.07 17.09
N ALA A 266 -8.74 2.71 16.09
CA ALA A 266 -8.24 2.46 14.76
C ALA A 266 -9.24 2.99 13.75
N ASP A 267 -9.37 4.31 13.68
CA ASP A 267 -10.31 4.92 12.72
C ASP A 267 -9.80 4.93 11.30
N ASP A 268 -10.68 4.57 10.36
CA ASP A 268 -10.35 4.53 8.96
C ASP A 268 -10.75 5.86 8.33
N THR A 269 -9.86 6.53 7.58
CA THR A 269 -10.21 7.78 6.90
C THR A 269 -10.82 7.46 5.55
N ALA A 270 -11.86 8.20 5.15
CA ALA A 270 -12.44 8.00 3.82
C ALA A 270 -11.54 8.64 2.77
N GLY A 271 -10.91 7.81 1.95
CA GLY A 271 -10.07 8.27 0.87
C GLY A 271 -8.95 9.20 1.29
N TRP A 272 -8.07 8.73 2.16
CA TRP A 272 -6.93 9.49 2.69
C TRP A 272 -6.17 10.31 1.65
N ASP A 273 -5.72 9.66 0.52
CA ASP A 273 -4.94 10.37 -0.50
C ASP A 273 -5.65 11.58 -1.08
N THR A 274 -6.97 11.55 -1.14
CA THR A 274 -7.76 12.69 -1.63
C THR A 274 -7.94 13.80 -0.57
N ARG A 275 -7.66 13.50 0.68
CA ARG A 275 -7.79 14.43 1.80
C ARG A 275 -6.46 15.11 2.19
N ILE A 276 -5.38 14.87 1.42
CA ILE A 276 -4.09 15.49 1.62
C ILE A 276 -4.25 16.89 1.05
N THR A 277 -4.20 17.89 1.91
CA THR A 277 -4.47 19.26 1.50
C THR A 277 -3.19 20.01 1.07
N GLU A 278 -3.33 21.23 0.51
CA GLU A 278 -2.18 22.08 0.21
C GLU A 278 -1.41 22.39 1.53
N ASP A 279 -2.13 22.52 2.66
CA ASP A 279 -1.48 22.76 3.95
C ASP A 279 -0.64 21.56 4.37
N ASP A 280 -1.17 20.33 4.18
CA ASP A 280 -0.37 19.13 4.49
C ASP A 280 0.90 19.07 3.63
N LEU A 281 0.78 19.34 2.33
CA LEU A 281 1.93 19.32 1.40
C LEU A 281 3.02 20.32 1.80
N HIS A 282 2.61 21.50 2.27
CA HIS A 282 3.58 22.51 2.70
CA HIS A 282 3.51 22.56 2.77
C HIS A 282 4.26 22.09 4.02
N ASN A 283 3.56 21.34 4.89
CA ASN A 283 4.18 20.81 6.12
C ASN A 283 5.12 19.63 5.80
N GLU A 284 4.78 18.82 4.78
CA GLU A 284 5.64 17.69 4.40
C GLU A 284 6.93 18.18 3.74
N GLU A 285 6.87 19.29 3.00
CA GLU A 285 8.01 19.90 2.31
C GLU A 285 9.10 20.35 3.29
N LYS A 286 8.76 20.59 4.56
CA LYS A 286 9.72 21.04 5.59
C LYS A 286 10.96 20.12 5.75
N ILE A 287 10.90 18.84 5.31
CA ILE A 287 12.08 17.96 5.37
C ILE A 287 13.25 18.55 4.54
N ILE A 288 12.97 19.35 3.48
CA ILE A 288 14.05 19.91 2.66
C ILE A 288 15.03 20.78 3.47
N GLN A 289 14.58 21.30 4.65
CA GLN A 289 15.45 22.09 5.53
C GLN A 289 16.62 21.28 6.10
N GLN A 290 16.49 19.95 6.17
CA GLN A 290 17.58 19.10 6.66
C GLN A 290 18.53 18.59 5.57
N MET A 291 18.28 18.94 4.31
CA MET A 291 19.08 18.45 3.20
C MET A 291 20.27 19.31 2.84
N ASP A 292 21.26 18.67 2.19
CA ASP A 292 22.43 19.33 1.60
C ASP A 292 21.93 20.22 0.44
N PRO A 293 22.64 21.31 0.10
CA PRO A 293 22.19 22.18 -1.01
C PRO A 293 21.84 21.50 -2.34
N GLU A 294 22.62 20.51 -2.79
CA GLU A 294 22.33 19.85 -4.06
C GLU A 294 21.10 18.90 -3.97
N HIS A 295 20.86 18.32 -2.80
CA HIS A 295 19.71 17.46 -2.57
C HIS A 295 18.46 18.31 -2.46
N ARG A 296 18.52 19.40 -1.66
CA ARG A 296 17.41 20.31 -1.45
C ARG A 296 16.84 20.85 -2.77
N GLN A 297 17.73 21.19 -3.72
CA GLN A 297 17.33 21.71 -5.03
C GLN A 297 16.51 20.66 -5.82
N LEU A 298 16.91 19.39 -5.77
CA LEU A 298 16.20 18.33 -6.48
C LEU A 298 14.89 17.98 -5.76
N ALA A 299 14.88 17.96 -4.40
CA ALA A 299 13.67 17.63 -3.65
C ALA A 299 12.66 18.76 -3.72
N ASN A 300 13.13 20.01 -3.75
CA ASN A 300 12.25 21.15 -3.92
C ASN A 300 11.58 21.08 -5.29
N ALA A 301 12.31 20.63 -6.33
CA ALA A 301 11.73 20.48 -7.66
C ALA A 301 10.66 19.41 -7.62
N ILE A 302 10.91 18.27 -6.94
CA ILE A 302 9.87 17.24 -6.81
C ILE A 302 8.61 17.81 -6.11
N PHE A 303 8.79 18.45 -4.93
CA PHE A 303 7.65 19.01 -4.20
C PHE A 303 6.86 20.04 -5.01
N LYS A 304 7.53 21.04 -5.57
CA LYS A 304 6.85 22.10 -6.30
C LYS A 304 6.28 21.70 -7.63
N LEU A 305 6.99 20.81 -8.34
CA LEU A 305 6.57 20.51 -9.70
C LEU A 305 5.70 19.29 -9.84
N THR A 306 5.76 18.32 -8.91
CA THR A 306 4.99 17.09 -9.08
C THR A 306 4.10 16.71 -7.88
N TYR A 307 4.25 17.39 -6.75
CA TYR A 307 3.39 17.10 -5.58
C TYR A 307 2.38 18.25 -5.40
N GLN A 308 2.88 19.48 -5.34
CA GLN A 308 2.06 20.69 -5.17
C GLN A 308 1.43 21.21 -6.48
N ASN A 309 1.80 20.60 -7.58
CA ASN A 309 1.28 20.79 -8.91
C ASN A 309 1.46 19.40 -9.49
N LYS A 310 0.51 18.92 -10.28
CA LYS A 310 0.64 17.62 -10.92
C LYS A 310 -0.07 17.63 -12.25
N VAL A 311 0.46 16.86 -13.22
CA VAL A 311 -0.16 16.70 -14.53
C VAL A 311 -0.48 15.23 -14.63
N VAL A 312 -1.75 14.92 -14.82
CA VAL A 312 -2.22 13.54 -14.78
C VAL A 312 -2.96 13.18 -16.07
N LYS A 313 -2.74 11.96 -16.58
CA LYS A 313 -3.43 11.39 -17.73
C LYS A 313 -4.46 10.39 -17.18
N VAL A 314 -5.67 10.41 -17.71
CA VAL A 314 -6.69 9.41 -17.36
C VAL A 314 -7.53 9.20 -18.60
N GLN A 315 -7.93 7.97 -18.86
CA GLN A 315 -8.75 7.65 -20.02
C GLN A 315 -10.25 7.88 -19.76
N ARG A 316 -11.00 8.11 -20.84
CA ARG A 316 -12.43 8.33 -20.71
C ARG A 316 -13.17 7.84 -21.94
N PRO A 317 -14.23 7.05 -21.75
CA PRO A 317 -15.05 6.62 -22.90
C PRO A 317 -15.93 7.78 -23.37
N THR A 318 -16.02 7.96 -24.69
CA THR A 318 -16.85 8.99 -25.31
C THR A 318 -17.77 8.31 -26.35
N PRO A 319 -18.78 9.03 -26.89
CA PRO A 319 -19.63 8.42 -27.94
C PRO A 319 -18.83 7.92 -29.15
N THR A 320 -17.65 8.48 -29.39
CA THR A 320 -16.83 8.12 -30.54
C THR A 320 -15.55 7.36 -30.22
N GLY A 321 -15.48 6.65 -29.09
CA GLY A 321 -14.29 5.89 -28.74
C GLY A 321 -13.67 6.31 -27.42
N THR A 322 -12.36 6.14 -27.27
CA THR A 322 -11.68 6.49 -26.03
C THR A 322 -10.78 7.68 -26.23
N VAL A 323 -10.72 8.56 -25.22
CA VAL A 323 -9.78 9.69 -25.25
C VAL A 323 -8.90 9.65 -23.98
N MET A 324 -7.76 10.33 -24.04
CA MET A 324 -6.89 10.50 -22.90
C MET A 324 -7.09 11.94 -22.49
N ASP A 325 -7.52 12.19 -21.25
CA ASP A 325 -7.69 13.55 -20.76
C ASP A 325 -6.44 13.96 -19.99
N ILE A 326 -6.06 15.22 -20.12
CA ILE A 326 -4.93 15.77 -19.40
C ILE A 326 -5.49 16.72 -18.37
N ILE A 327 -5.28 16.40 -17.08
CA ILE A 327 -5.82 17.21 -16.01
C ILE A 327 -4.75 17.56 -14.97
N SER A 328 -5.03 18.53 -14.11
CA SER A 328 -4.08 18.94 -13.08
C SER A 328 -4.79 19.43 -11.82
N ARG A 329 -4.07 19.48 -10.70
CA ARG A 329 -4.57 20.04 -9.44
C ARG A 329 -3.40 20.29 -8.47
N LYS A 330 -3.62 21.07 -7.42
CA LYS A 330 -2.56 21.44 -6.51
C LYS A 330 -2.51 20.62 -5.23
N ASP A 331 -3.55 19.84 -4.90
CA ASP A 331 -3.51 19.03 -3.70
C ASP A 331 -3.79 17.56 -4.02
N GLN A 332 -4.07 16.75 -2.98
CA GLN A 332 -4.23 15.33 -3.05
C GLN A 332 -2.86 14.68 -3.29
N ARG A 333 -2.77 13.41 -2.97
CA ARG A 333 -1.58 12.61 -3.12
C ARG A 333 -1.66 11.95 -4.48
N GLY A 334 -0.60 12.13 -5.27
N GLY A 334 -0.53 11.87 -5.18
CA GLY A 334 -0.48 11.66 -6.64
CA GLY A 334 -0.45 11.24 -6.49
C GLY A 334 -0.65 10.18 -6.89
C GLY A 334 -0.79 9.76 -6.53
N SER A 335 -0.67 9.78 -8.19
N SER A 335 -0.65 9.06 -5.39
CA SER A 335 -0.86 8.39 -8.59
CA SER A 335 -0.92 7.61 -5.18
C SER A 335 0.43 7.60 -8.81
C SER A 335 0.10 6.67 -5.85
N GLY A 336 0.64 6.61 -7.95
N GLY A 336 0.44 6.94 -7.11
CA GLY A 336 1.81 5.72 -8.01
CA GLY A 336 1.42 6.17 -7.86
C GLY A 336 3.14 6.38 -7.72
C GLY A 336 2.79 6.82 -7.80
N GLN A 337 3.27 7.09 -6.58
CA GLN A 337 4.54 7.77 -6.29
C GLN A 337 5.39 7.13 -5.17
N VAL A 338 6.70 7.25 -5.30
CA VAL A 338 7.72 6.76 -4.36
C VAL A 338 7.52 7.28 -2.90
N GLY A 339 7.31 8.58 -2.76
CA GLY A 339 7.19 9.17 -1.43
C GLY A 339 5.83 9.06 -0.75
N THR A 340 4.85 8.49 -1.43
CA THR A 340 3.49 8.41 -0.93
C THR A 340 3.37 7.75 0.43
N TYR A 341 3.96 6.57 0.60
CA TYR A 341 3.83 5.84 1.84
C TYR A 341 4.44 6.60 3.03
N GLY A 342 5.67 7.08 2.85
CA GLY A 342 6.39 7.79 3.90
C GLY A 342 5.73 9.10 4.26
N LEU A 343 5.31 9.86 3.25
CA LEU A 343 4.67 11.14 3.51
C LEU A 343 3.28 10.94 4.14
N ASN A 344 2.55 9.88 3.74
CA ASN A 344 1.25 9.58 4.35
C ASN A 344 1.46 9.22 5.82
N THR A 345 2.52 8.44 6.10
CA THR A 345 2.83 8.03 7.48
C THR A 345 3.15 9.25 8.31
N PHE A 346 3.97 10.17 7.76
CA PHE A 346 4.34 11.42 8.46
C PHE A 346 3.10 12.23 8.84
N THR A 347 2.25 12.50 7.86
CA THR A 347 1.07 13.33 8.07
C THR A 347 0.08 12.67 9.00
N ASN A 348 -0.01 11.32 8.98
CA ASN A 348 -0.94 10.62 9.89
C ASN A 348 -0.39 10.66 11.30
N MET A 349 0.95 10.52 11.48
CA MET A 349 1.56 10.65 12.81
C MET A 349 1.26 12.03 13.40
N GLU A 350 1.43 13.08 12.57
CA GLU A 350 1.15 14.45 12.96
C GLU A 350 -0.35 14.62 13.32
N ALA A 351 -1.27 14.17 12.44
CA ALA A 351 -2.70 14.27 12.68
C ALA A 351 -3.13 13.55 13.97
N GLN A 352 -2.57 12.35 14.23
CA GLN A 352 -2.94 11.62 15.44
C GLN A 352 -2.40 12.30 16.71
N LEU A 353 -1.22 12.91 16.63
CA LEU A 353 -0.70 13.66 17.78
C LEU A 353 -1.62 14.87 18.09
N VAL A 354 -2.12 15.52 17.03
CA VAL A 354 -3.03 16.65 17.15
C VAL A 354 -4.34 16.16 17.81
N ARG A 355 -4.88 15.02 17.35
CA ARG A 355 -6.08 14.45 17.98
C ARG A 355 -5.81 14.11 19.48
N GLN A 356 -4.64 13.54 19.79
CA GLN A 356 -4.27 13.24 21.19
C GLN A 356 -4.22 14.51 22.04
N MET A 357 -3.70 15.63 21.50
CA MET A 357 -3.67 16.93 22.20
C MET A 357 -5.11 17.40 22.48
N GLU A 358 -6.01 17.28 21.48
CA GLU A 358 -7.39 17.68 21.68
C GLU A 358 -8.06 16.83 22.79
N GLY A 359 -7.84 15.51 22.76
CA GLY A 359 -8.42 14.63 23.78
C GLY A 359 -7.96 14.99 25.19
N GLU A 360 -6.70 15.41 25.30
CA GLU A 360 -6.10 15.82 26.56
C GLU A 360 -6.46 17.22 27.04
N GLY A 361 -7.23 17.96 26.26
CA GLY A 361 -7.62 19.32 26.61
C GLY A 361 -6.61 20.38 26.26
N VAL A 362 -5.51 20.00 25.58
CA VAL A 362 -4.48 20.95 25.17
C VAL A 362 -5.01 21.86 24.04
N LEU A 363 -5.81 21.30 23.13
CA LEU A 363 -6.41 22.08 22.06
C LEU A 363 -7.90 22.16 22.27
N THR A 364 -8.46 23.36 22.28
CA THR A 364 -9.89 23.55 22.43
C THR A 364 -10.51 23.96 21.07
N LYS A 365 -11.85 23.98 20.99
CA LYS A 365 -12.54 24.44 19.81
C LYS A 365 -12.16 25.93 19.51
N ALA A 366 -12.06 26.76 20.55
CA ALA A 366 -11.66 28.18 20.34
C ALA A 366 -10.25 28.27 19.76
N ASP A 367 -9.30 27.41 20.21
CA ASP A 367 -7.94 27.38 19.68
C ASP A 367 -7.92 27.08 18.20
N LEU A 368 -8.76 26.13 17.75
CA LEU A 368 -8.75 25.74 16.33
C LEU A 368 -9.19 26.86 15.42
N GLU A 369 -10.09 27.71 15.89
CA GLU A 369 -10.54 28.86 15.10
C GLU A 369 -9.58 30.06 15.17
N ASN A 370 -8.65 30.05 16.12
CA ASN A 370 -7.76 31.16 16.44
C ASN A 370 -6.41 31.14 15.74
N PRO A 371 -6.17 32.05 14.78
CA PRO A 371 -4.82 32.12 14.17
C PRO A 371 -3.74 32.49 15.19
N HIS A 372 -4.13 33.22 16.22
CA HIS A 372 -3.23 33.70 17.26
C HIS A 372 -3.22 32.79 18.48
N LEU A 373 -3.50 31.45 18.31
CA LEU A 373 -3.49 30.56 19.48
C LEU A 373 -2.09 30.51 20.11
N LEU A 374 -2.03 30.16 21.40
CA LEU A 374 -0.76 30.12 22.11
C LEU A 374 0.12 28.99 21.63
N GLU A 375 1.17 29.34 20.87
CA GLU A 375 2.11 28.38 20.31
C GLU A 375 2.89 27.63 21.37
N LYS A 376 3.19 28.30 22.49
CA LYS A 376 4.00 27.75 23.58
C LYS A 376 3.40 26.52 24.27
N LYS A 377 2.06 26.45 24.47
CA LYS A 377 1.49 25.24 25.10
C LYS A 377 1.59 24.02 24.18
N ILE A 378 1.59 24.23 22.84
CA ILE A 378 1.73 23.11 21.89
C ILE A 378 3.18 22.61 21.99
N THR A 379 4.14 23.53 21.90
CA THR A 379 5.56 23.21 22.01
C THR A 379 5.87 22.49 23.33
N GLN A 380 5.31 22.98 24.44
CA GLN A 380 5.51 22.36 25.76
C GLN A 380 5.03 20.89 25.79
N TRP A 381 3.85 20.62 25.22
CA TRP A 381 3.30 19.28 25.16
C TRP A 381 4.17 18.39 24.28
N LEU A 382 4.61 18.88 23.12
CA LEU A 382 5.46 18.07 22.22
C LEU A 382 6.81 17.74 22.87
N GLU A 383 7.45 18.75 23.45
CA GLU A 383 8.76 18.59 24.09
C GLU A 383 8.74 17.68 25.34
N THR A 384 7.63 17.66 26.07
CA THR A 384 7.54 16.82 27.27
C THR A 384 6.80 15.49 27.07
N LYS A 385 5.76 15.46 26.25
CA LYS A 385 4.96 14.25 26.05
C LYS A 385 5.01 13.64 24.65
N GLY A 386 5.42 14.42 23.65
CA GLY A 386 5.47 14.01 22.23
C GLY A 386 5.95 12.60 21.93
N VAL A 387 7.18 12.26 22.34
CA VAL A 387 7.75 10.93 22.09
C VAL A 387 6.94 9.83 22.79
N GLU A 388 6.51 10.08 24.03
CA GLU A 388 5.71 9.10 24.78
C GLU A 388 4.38 8.84 24.01
N ARG A 389 3.76 9.91 23.48
CA ARG A 389 2.51 9.82 22.72
C ARG A 389 2.68 9.12 21.36
N LEU A 390 3.86 9.24 20.75
CA LEU A 390 4.17 8.53 19.50
C LEU A 390 4.27 7.01 19.78
N LYS A 391 4.84 6.64 20.96
CA LYS A 391 4.99 5.23 21.36
C LYS A 391 3.65 4.48 21.54
N ARG A 392 2.55 5.23 21.73
CA ARG A 392 1.19 4.69 21.87
C ARG A 392 0.52 4.41 20.53
N MET A 393 1.24 4.56 19.41
CA MET A 393 0.64 4.41 18.10
C MET A 393 1.40 3.46 17.21
N ALA A 394 0.67 2.85 16.28
CA ALA A 394 1.19 1.99 15.21
C ALA A 394 0.61 2.64 13.97
N ILE A 395 1.46 3.26 13.14
CA ILE A 395 1.01 4.02 11.98
C ILE A 395 1.72 3.59 10.70
N SER A 396 0.94 3.29 9.68
CA SER A 396 1.46 2.81 8.42
C SER A 396 0.63 3.43 7.32
N GLY A 397 1.11 4.53 6.74
CA GLY A 397 0.37 5.25 5.72
C GLY A 397 -0.89 5.84 6.34
N ASP A 398 -2.05 5.61 5.71
CA ASP A 398 -3.33 6.05 6.27
C ASP A 398 -3.82 5.16 7.41
N ASP A 399 -3.16 4.00 7.69
CA ASP A 399 -3.61 3.12 8.76
C ASP A 399 -3.05 3.56 10.11
N CYS A 400 -3.91 3.67 11.11
CA CYS A 400 -3.44 4.04 12.44
C CYS A 400 -4.11 3.23 13.54
N VAL A 401 -3.38 3.01 14.62
CA VAL A 401 -3.86 2.43 15.85
C VAL A 401 -3.33 3.38 16.91
N VAL A 402 -4.18 3.89 17.78
CA VAL A 402 -3.75 4.83 18.81
C VAL A 402 -4.29 4.35 20.16
N LYS A 403 -3.47 4.32 21.20
CA LYS A 403 -3.94 4.03 22.56
C LYS A 403 -3.69 5.29 23.36
N PRO A 404 -4.65 6.23 23.35
CA PRO A 404 -4.47 7.48 24.09
C PRO A 404 -4.45 7.29 25.62
N ILE A 405 -4.12 8.36 26.38
CA ILE A 405 -3.96 8.25 27.84
C ILE A 405 -5.29 7.98 28.56
N ASP A 406 -6.44 8.27 27.93
CA ASP A 406 -7.76 7.98 28.45
C ASP A 406 -8.75 7.98 27.26
N ASP A 407 -10.07 7.87 27.50
CA ASP A 407 -11.02 7.80 26.39
C ASP A 407 -11.65 9.11 25.97
N ARG A 408 -11.15 10.26 26.45
CA ARG A 408 -11.63 11.56 25.93
C ARG A 408 -11.38 11.65 24.39
N PHE A 409 -10.35 10.96 23.91
CA PHE A 409 -9.95 10.85 22.50
C PHE A 409 -11.08 10.43 21.62
N ALA A 410 -11.96 9.52 22.10
CA ALA A 410 -13.11 9.06 21.32
C ALA A 410 -14.00 10.20 20.84
N ASN A 411 -14.18 11.24 21.66
CA ASN A 411 -15.01 12.38 21.27
C ASN A 411 -14.20 13.61 20.82
N ALA A 412 -12.88 13.47 20.70
CA ALA A 412 -12.00 14.56 20.26
C ALA A 412 -11.94 14.48 18.75
N LEU A 413 -12.92 15.08 18.08
CA LEU A 413 -13.11 15.02 16.62
C LEU A 413 -12.99 16.36 15.87
N LEU A 414 -12.91 17.47 16.60
CA LEU A 414 -12.86 18.80 15.98
C LEU A 414 -11.64 18.95 15.05
N ALA A 415 -10.43 18.68 15.55
CA ALA A 415 -9.23 18.82 14.74
C ALA A 415 -9.21 17.79 13.61
N LEU A 416 -9.51 16.49 13.91
CA LEU A 416 -9.48 15.44 12.88
C LEU A 416 -10.35 15.78 11.67
N ASN A 417 -11.60 16.20 11.92
CA ASN A 417 -12.49 16.58 10.83
C ASN A 417 -11.97 17.85 10.15
N ASP A 418 -11.53 18.82 10.94
CA ASP A 418 -11.05 20.10 10.38
C ASP A 418 -9.78 19.97 9.50
N MET A 419 -8.86 19.06 9.88
CA MET A 419 -7.68 18.78 9.07
C MET A 419 -8.06 18.07 7.73
N GLY A 420 -9.33 17.68 7.57
CA GLY A 420 -9.82 16.98 6.38
C GLY A 420 -9.83 15.47 6.52
N LYS A 421 -9.35 14.92 7.65
CA LYS A 421 -9.27 13.45 7.76
C LYS A 421 -10.58 12.84 8.33
N VAL A 422 -11.68 13.06 7.58
CA VAL A 422 -13.02 12.61 7.95
C VAL A 422 -13.07 11.07 7.93
N ARG A 423 -13.59 10.50 9.01
CA ARG A 423 -13.67 9.04 9.18
C ARG A 423 -14.71 8.46 8.19
N LYS A 424 -14.43 7.27 7.67
CA LYS A 424 -15.25 6.60 6.67
C LYS A 424 -16.52 6.00 7.30
N ASP A 425 -17.65 6.17 6.61
CA ASP A 425 -18.95 5.54 6.95
C ASP A 425 -19.36 5.75 8.42
N ILE A 426 -19.38 6.99 8.90
CA ILE A 426 -19.82 7.29 10.27
C ILE A 426 -20.18 8.77 10.30
N PRO A 427 -21.23 9.23 11.01
CA PRO A 427 -21.58 10.64 11.10
C PRO A 427 -20.37 11.41 11.64
N GLN A 428 -20.15 12.63 11.18
CA GLN A 428 -18.82 13.17 11.55
C GLN A 428 -18.65 13.49 13.05
N TRP A 429 -19.72 13.70 13.82
CA TRP A 429 -19.61 14.00 15.26
C TRP A 429 -19.94 12.79 16.14
N GLN A 430 -20.14 11.60 15.58
CA GLN A 430 -20.40 10.43 16.44
C GLN A 430 -19.06 9.95 17.04
N PRO A 431 -19.01 9.69 18.37
CA PRO A 431 -17.73 9.28 18.96
C PRO A 431 -17.19 8.01 18.36
N SER A 432 -15.86 7.94 18.28
CA SER A 432 -15.20 6.77 17.76
C SER A 432 -15.41 5.60 18.71
N LYS A 433 -15.43 4.41 18.14
CA LYS A 433 -15.54 3.22 18.96
C LYS A 433 -14.14 2.63 19.08
N GLY A 434 -13.68 2.44 20.29
CA GLY A 434 -12.38 1.84 20.54
C GLY A 434 -12.50 0.41 21.02
N TRP A 435 -11.37 -0.30 21.05
CA TRP A 435 -11.33 -1.69 21.47
C TRP A 435 -10.51 -1.88 22.66
N HIS A 436 -11.07 -2.61 23.61
CA HIS A 436 -10.32 -2.97 24.80
C HIS A 436 -9.53 -4.29 24.60
N ASP A 437 -9.74 -5.00 23.47
CA ASP A 437 -8.97 -6.19 23.16
C ASP A 437 -8.13 -5.94 21.91
N TRP A 438 -6.81 -5.87 22.06
CA TRP A 438 -5.88 -5.65 20.93
C TRP A 438 -6.08 -6.64 19.77
N GLN A 439 -6.61 -7.85 20.09
CA GLN A 439 -6.86 -8.88 19.09
C GLN A 439 -8.04 -8.56 18.14
N GLN A 440 -8.88 -7.60 18.50
CA GLN A 440 -10.02 -7.16 17.69
C GLN A 440 -9.66 -5.90 16.85
N VAL A 441 -8.50 -5.27 17.10
CA VAL A 441 -8.08 -4.05 16.40
C VAL A 441 -7.72 -4.30 14.94
N PRO A 442 -8.42 -3.64 14.00
CA PRO A 442 -8.04 -3.79 12.58
C PRO A 442 -6.83 -2.91 12.26
N PHE A 443 -5.85 -3.46 11.54
CA PHE A 443 -4.64 -2.74 11.19
C PHE A 443 -4.04 -3.38 9.96
N CYS A 444 -3.87 -2.60 8.88
CA CYS A 444 -3.27 -3.04 7.62
C CYS A 444 -4.04 -4.20 6.98
N SER A 445 -5.38 -4.09 6.98
CA SER A 445 -6.36 -5.04 6.44
C SER A 445 -6.39 -6.40 7.18
N HIS A 446 -5.84 -6.44 8.40
CA HIS A 446 -5.74 -7.63 9.22
C HIS A 446 -6.15 -7.36 10.67
N HIS A 447 -6.33 -8.42 11.43
CA HIS A 447 -6.45 -8.41 12.89
C HIS A 447 -5.48 -9.54 13.32
N PHE A 448 -5.13 -9.59 14.60
CA PHE A 448 -4.10 -10.48 15.05
C PHE A 448 -4.54 -11.34 16.24
N HIS A 449 -4.13 -12.61 16.29
CA HIS A 449 -4.54 -13.50 17.37
C HIS A 449 -3.35 -13.98 18.14
N GLU A 450 -3.51 -14.16 19.45
CA GLU A 450 -2.49 -14.80 20.26
C GLU A 450 -2.90 -16.28 20.34
N LEU A 451 -2.04 -17.15 19.86
CA LEU A 451 -2.26 -18.59 19.86
C LEU A 451 -1.31 -19.26 20.84
N ILE A 452 -1.78 -20.34 21.44
CA ILE A 452 -0.96 -21.11 22.35
C ILE A 452 -0.59 -22.39 21.64
N MET A 453 0.71 -22.63 21.45
CA MET A 453 1.19 -23.84 20.80
C MET A 453 1.03 -25.04 21.74
N LYS A 454 1.06 -26.27 21.18
CA LYS A 454 0.98 -27.50 21.99
C LYS A 454 2.05 -27.55 23.08
N ASP A 455 3.22 -26.92 22.85
CA ASP A 455 4.27 -26.90 23.87
C ASP A 455 4.17 -25.75 24.88
N GLY A 456 3.09 -24.96 24.83
CA GLY A 456 2.91 -23.86 25.75
C GLY A 456 3.44 -22.50 25.29
N ARG A 457 4.22 -22.45 24.19
CA ARG A 457 4.75 -21.16 23.72
C ARG A 457 3.64 -20.36 23.01
N LYS A 458 3.70 -19.05 23.10
CA LYS A 458 2.70 -18.19 22.46
C LYS A 458 3.19 -17.67 21.11
N LEU A 459 2.27 -17.55 20.15
CA LEU A 459 2.54 -16.98 18.84
C LEU A 459 1.50 -15.86 18.65
N VAL A 460 1.85 -14.80 17.93
CA VAL A 460 0.86 -13.76 17.60
C VAL A 460 0.81 -13.73 16.09
N VAL A 461 -0.31 -14.13 15.51
CA VAL A 461 -0.41 -14.30 14.07
C VAL A 461 -1.33 -13.32 13.36
N PRO A 462 -1.06 -13.08 12.05
CA PRO A 462 -1.94 -12.20 11.28
C PRO A 462 -3.12 -12.97 10.69
N CYS A 463 -4.26 -12.29 10.60
CA CYS A 463 -5.46 -12.93 10.12
C CYS A 463 -6.35 -11.92 9.40
N ARG A 464 -7.18 -12.39 8.50
CA ARG A 464 -8.16 -11.55 7.80
C ARG A 464 -9.29 -12.46 7.30
N PRO A 465 -10.44 -11.92 6.87
CA PRO A 465 -11.54 -12.78 6.38
C PRO A 465 -11.04 -13.74 5.31
N GLN A 466 -11.30 -15.06 5.49
CA GLN A 466 -10.74 -16.09 4.61
C GLN A 466 -11.16 -15.95 3.15
N ASP A 467 -12.38 -15.45 2.90
CA ASP A 467 -12.84 -15.23 1.52
C ASP A 467 -11.93 -14.25 0.78
N GLU A 468 -11.31 -13.28 1.50
CA GLU A 468 -10.40 -12.31 0.90
C GLU A 468 -9.09 -12.99 0.49
N LEU A 469 -8.60 -13.90 1.33
CA LEU A 469 -7.36 -14.62 1.04
C LEU A 469 -7.57 -15.56 -0.18
N ILE A 470 -8.65 -16.34 -0.19
CA ILE A 470 -8.96 -17.25 -1.30
C ILE A 470 -9.27 -16.46 -2.59
N GLY A 471 -10.07 -15.40 -2.48
CA GLY A 471 -10.41 -14.58 -3.63
C GLY A 471 -9.20 -13.96 -4.32
N ARG A 472 -8.21 -13.50 -3.53
CA ARG A 472 -7.01 -12.90 -4.09
C ARG A 472 -6.13 -13.97 -4.75
N ALA A 473 -5.98 -15.12 -4.08
CA ALA A 473 -5.16 -16.20 -4.62
C ALA A 473 -5.69 -16.76 -5.94
N ARG A 474 -6.99 -16.59 -6.20
CA ARG A 474 -7.60 -17.05 -7.44
C ARG A 474 -7.42 -16.07 -8.61
N ILE A 475 -6.71 -14.95 -8.42
CA ILE A 475 -6.46 -14.00 -9.51
C ILE A 475 -5.03 -14.15 -10.00
N SER A 476 -4.87 -14.41 -11.30
CA SER A 476 -3.53 -14.59 -11.88
C SER A 476 -2.88 -13.26 -12.34
N GLN A 477 -1.60 -13.32 -12.78
CA GLN A 477 -0.84 -12.17 -13.33
C GLN A 477 -1.56 -11.51 -14.51
N GLY A 478 -2.39 -12.27 -15.23
CA GLY A 478 -3.11 -11.77 -16.39
C GLY A 478 -3.17 -12.79 -17.51
N ALA A 479 -3.80 -12.42 -18.63
CA ALA A 479 -3.88 -13.29 -19.79
C ALA A 479 -2.52 -13.36 -20.51
N GLY A 480 -2.27 -14.46 -21.20
CA GLY A 480 -1.03 -14.62 -21.94
C GLY A 480 0.10 -15.27 -21.17
N TRP A 481 -0.06 -15.46 -19.85
CA TRP A 481 0.96 -16.12 -19.03
C TRP A 481 0.80 -17.65 -19.16
N SER A 482 1.91 -18.38 -19.16
CA SER A 482 1.87 -19.85 -19.31
C SER A 482 1.29 -20.57 -18.08
N LEU A 483 0.90 -21.86 -18.25
CA LEU A 483 0.42 -22.68 -17.15
C LEU A 483 1.49 -22.80 -16.06
N ARG A 484 2.79 -22.81 -16.45
CA ARG A 484 3.87 -22.90 -15.48
C ARG A 484 3.90 -21.63 -14.60
N GLU A 485 3.79 -20.45 -15.21
CA GLU A 485 3.81 -19.17 -14.49
C GLU A 485 2.59 -19.02 -13.59
N THR A 486 1.44 -19.55 -14.02
CA THR A 486 0.17 -19.54 -13.31
C THR A 486 0.25 -20.49 -12.11
N ALA A 487 0.82 -21.69 -12.31
CA ALA A 487 1.02 -22.66 -11.25
C ALA A 487 2.06 -22.16 -10.24
N CYS A 488 3.08 -21.43 -10.69
CA CYS A 488 4.11 -20.88 -9.81
C CYS A 488 3.57 -19.73 -8.95
N LEU A 489 2.62 -18.96 -9.51
CA LEU A 489 1.96 -17.92 -8.70
C LEU A 489 1.01 -18.58 -7.70
N GLY A 490 0.36 -19.67 -8.06
CA GLY A 490 -0.51 -20.45 -7.17
C GLY A 490 0.29 -20.98 -5.99
N LYS A 491 1.49 -21.51 -6.31
CA LYS A 491 2.44 -22.01 -5.33
C LYS A 491 2.92 -20.87 -4.41
N ALA A 492 3.13 -19.65 -4.94
CA ALA A 492 3.52 -18.51 -4.11
C ALA A 492 2.41 -18.20 -3.07
N TYR A 493 1.13 -18.22 -3.49
CA TYR A 493 -0.01 -18.01 -2.57
C TYR A 493 -0.10 -19.13 -1.54
N ALA A 494 0.04 -20.38 -1.99
CA ALA A 494 0.02 -21.53 -1.07
C ALA A 494 1.11 -21.41 0.00
N GLN A 495 2.31 -21.01 -0.40
CA GLN A 495 3.43 -20.90 0.55
C GLN A 495 3.27 -19.70 1.45
N MET A 496 2.66 -18.61 0.96
CA MET A 496 2.38 -17.45 1.84
C MET A 496 1.37 -17.90 2.92
N TRP A 497 0.39 -18.72 2.54
CA TRP A 497 -0.58 -19.25 3.51
C TRP A 497 0.11 -20.15 4.53
N SER A 498 1.06 -20.97 4.10
CA SER A 498 1.79 -21.85 5.02
CA SER A 498 1.77 -21.85 5.03
C SER A 498 2.59 -21.07 6.05
N LEU A 499 3.05 -19.85 5.71
CA LEU A 499 3.89 -19.07 6.62
C LEU A 499 3.15 -18.04 7.45
N MET A 500 2.11 -17.43 6.89
CA MET A 500 1.36 -16.36 7.55
C MET A 500 -0.02 -16.80 8.07
N TYR A 501 -0.70 -17.67 7.34
CA TYR A 501 -2.09 -18.04 7.65
C TYR A 501 -2.28 -19.56 7.86
N PHE A 502 -1.23 -20.23 8.35
CA PHE A 502 -1.22 -21.67 8.64
C PHE A 502 -2.29 -22.06 9.67
N HIS A 503 -2.68 -21.10 10.51
CA HIS A 503 -3.64 -21.27 11.59
C HIS A 503 -5.07 -21.37 11.10
N ARG A 504 -5.34 -21.18 9.80
CA ARG A 504 -6.66 -21.29 9.21
C ARG A 504 -6.73 -22.71 8.61
N ARG A 505 -7.62 -23.57 9.12
CA ARG A 505 -7.73 -24.96 8.67
C ARG A 505 -7.84 -25.12 7.17
N ASP A 506 -8.76 -24.38 6.53
CA ASP A 506 -8.95 -24.52 5.08
C ASP A 506 -7.72 -24.12 4.30
N LEU A 507 -6.99 -23.08 4.76
CA LEU A 507 -5.82 -22.61 4.04
C LEU A 507 -4.64 -23.54 4.14
N ARG A 508 -4.46 -24.19 5.32
CA ARG A 508 -3.36 -25.16 5.43
C ARG A 508 -3.64 -26.36 4.51
N LEU A 509 -4.90 -26.78 4.42
CA LEU A 509 -5.30 -27.89 3.57
C LEU A 509 -5.11 -27.51 2.10
N ALA A 510 -5.67 -26.34 1.66
CA ALA A 510 -5.54 -25.90 0.27
C ALA A 510 -4.06 -25.67 -0.10
N SER A 511 -3.25 -25.17 0.84
CA SER A 511 -1.83 -24.92 0.58
C SER A 511 -1.13 -26.27 0.30
N ASN A 512 -1.43 -27.29 1.11
CA ASN A 512 -0.90 -28.64 0.95
C ASN A 512 -1.33 -29.22 -0.40
N ALA A 513 -2.60 -28.98 -0.79
CA ALA A 513 -3.11 -29.43 -2.09
C ALA A 513 -2.36 -28.77 -3.25
N ILE A 514 -2.23 -27.43 -3.24
CA ILE A 514 -1.52 -26.70 -4.31
C ILE A 514 -0.05 -27.12 -4.40
N CYS A 515 0.65 -27.22 -3.26
CA CYS A 515 2.05 -27.63 -3.28
C CYS A 515 2.25 -29.10 -3.71
N SER A 516 1.23 -29.93 -3.57
CA SER A 516 1.28 -31.31 -4.07
C SER A 516 1.03 -31.34 -5.59
N ALA A 517 0.26 -30.37 -6.12
CA ALA A 517 -0.11 -30.29 -7.53
C ALA A 517 0.92 -29.60 -8.41
N VAL A 518 1.80 -28.79 -7.81
CA VAL A 518 2.80 -28.06 -8.58
C VAL A 518 4.17 -28.77 -8.39
N PRO A 519 4.93 -28.99 -9.48
CA PRO A 519 6.26 -29.63 -9.37
C PRO A 519 7.14 -28.99 -8.30
N VAL A 520 7.71 -29.81 -7.38
CA VAL A 520 8.52 -29.35 -6.24
C VAL A 520 9.62 -28.39 -6.57
N HIS A 521 10.26 -28.54 -7.74
CA HIS A 521 11.39 -27.68 -8.05
C HIS A 521 10.98 -26.42 -8.85
N TRP A 522 9.69 -26.22 -9.15
CA TRP A 522 9.26 -24.98 -9.81
C TRP A 522 9.26 -23.86 -8.74
N VAL A 523 9.93 -22.77 -9.03
CA VAL A 523 10.08 -21.67 -8.09
C VAL A 523 8.87 -20.74 -8.16
N PRO A 524 8.32 -20.30 -7.01
CA PRO A 524 7.23 -19.30 -7.05
C PRO A 524 7.63 -18.06 -7.86
N THR A 525 6.72 -17.60 -8.74
CA THR A 525 6.95 -16.45 -9.60
C THR A 525 5.94 -15.34 -9.26
N SER A 526 6.09 -14.15 -9.88
CA SER A 526 5.22 -13.01 -9.66
C SER A 526 5.23 -12.62 -8.17
N ARG A 527 4.18 -11.99 -7.67
CA ARG A 527 4.09 -11.63 -6.28
C ARG A 527 2.68 -11.84 -5.82
N THR A 528 2.53 -12.24 -4.57
CA THR A 528 1.20 -12.43 -3.99
C THR A 528 0.55 -11.10 -3.59
N THR A 529 1.39 -10.07 -3.32
CA THR A 529 0.94 -8.75 -2.89
C THR A 529 2.03 -7.71 -3.15
N TRP A 530 1.62 -6.44 -3.28
CA TRP A 530 2.52 -5.29 -3.41
C TRP A 530 2.77 -4.61 -2.03
N SER A 531 2.04 -5.02 -0.97
CA SER A 531 2.12 -4.45 0.36
C SER A 531 3.53 -4.38 0.87
N ILE A 532 3.87 -3.24 1.45
CA ILE A 532 5.19 -3.02 2.04
C ILE A 532 5.46 -3.97 3.23
N HIS A 533 4.41 -4.55 3.83
CA HIS A 533 4.56 -5.46 4.98
C HIS A 533 4.93 -6.90 4.58
N ALA A 534 4.85 -7.22 3.29
CA ALA A 534 5.18 -8.55 2.81
C ALA A 534 6.68 -8.66 2.61
N HIS A 535 7.31 -9.58 3.32
CA HIS A 535 8.73 -9.83 3.15
C HIS A 535 9.04 -11.00 2.21
N HIS A 536 7.99 -11.65 1.67
CA HIS A 536 8.09 -12.68 0.66
C HIS A 536 9.03 -13.86 1.00
N GLN A 537 9.03 -14.30 2.26
CA GLN A 537 9.80 -15.47 2.69
C GLN A 537 9.32 -16.77 2.01
N TRP A 538 8.07 -16.75 1.48
CA TRP A 538 7.46 -17.83 0.75
C TRP A 538 7.91 -17.93 -0.71
N MET A 539 8.73 -16.99 -1.19
CA MET A 539 9.21 -16.98 -2.58
C MET A 539 10.48 -17.81 -2.64
N THR A 540 10.35 -19.11 -2.42
CA THR A 540 11.49 -20.01 -2.33
C THR A 540 11.07 -21.45 -2.58
N THR A 541 12.05 -22.33 -2.87
CA THR A 541 11.77 -23.77 -2.97
C THR A 541 12.26 -24.52 -1.74
N GLU A 542 12.72 -23.81 -0.69
CA GLU A 542 13.12 -24.39 0.56
C GLU A 542 11.88 -25.01 1.22
N ASP A 543 12.08 -26.03 2.08
CA ASP A 543 11.01 -26.70 2.82
C ASP A 543 10.25 -25.65 3.67
N MET A 544 8.92 -25.63 3.57
CA MET A 544 8.12 -24.61 4.29
C MET A 544 8.20 -24.74 5.79
N LEU A 545 8.37 -25.95 6.36
CA LEU A 545 8.51 -26.06 7.80
C LEU A 545 9.81 -25.41 8.29
N THR A 546 10.89 -25.52 7.50
CA THR A 546 12.19 -24.91 7.81
C THR A 546 12.05 -23.39 7.78
N VAL A 547 11.38 -22.86 6.77
CA VAL A 547 11.14 -21.41 6.68
C VAL A 547 10.22 -20.94 7.84
N TRP A 548 9.18 -21.74 8.17
CA TRP A 548 8.28 -21.43 9.29
C TRP A 548 9.09 -21.29 10.58
N ASN A 549 10.00 -22.27 10.88
CA ASN A 549 10.84 -22.16 12.08
C ASN A 549 11.70 -20.94 12.08
N ARG A 550 12.28 -20.58 10.92
CA ARG A 550 13.13 -19.40 10.82
C ARG A 550 12.37 -18.13 11.20
N VAL A 551 11.22 -17.91 10.58
CA VAL A 551 10.39 -16.73 10.83
C VAL A 551 9.75 -16.69 12.23
N TRP A 552 9.07 -17.79 12.64
CA TRP A 552 8.33 -17.77 13.90
C TRP A 552 9.14 -18.12 15.14
N ILE A 553 10.25 -18.84 14.98
CA ILE A 553 11.05 -19.25 16.14
C ILE A 553 12.42 -18.54 16.16
N GLU A 554 13.34 -18.90 15.26
CA GLU A 554 14.70 -18.38 15.23
C GLU A 554 14.81 -16.87 15.20
N GLU A 555 14.20 -16.23 14.20
CA GLU A 555 14.31 -14.79 14.05
C GLU A 555 13.27 -13.98 14.78
N ASN A 556 12.30 -14.62 15.42
CA ASN A 556 11.22 -13.93 16.14
C ASN A 556 11.73 -13.36 17.44
N PRO A 557 11.80 -12.02 17.56
CA PRO A 557 12.28 -11.43 18.82
C PRO A 557 11.35 -11.62 20.01
N TRP A 558 10.09 -11.94 19.76
CA TRP A 558 9.16 -12.19 20.86
C TRP A 558 9.08 -13.70 21.23
N MET A 559 9.96 -14.54 20.68
CA MET A 559 9.98 -15.96 20.99
C MET A 559 11.29 -16.18 21.76
N GLU A 560 11.24 -16.25 23.10
CA GLU A 560 12.46 -16.41 23.89
C GLU A 560 13.06 -17.82 23.80
N ASP A 561 12.21 -18.83 23.73
CA ASP A 561 12.64 -20.21 23.61
C ASP A 561 12.78 -20.56 22.12
N LYS A 562 14.01 -20.87 21.69
CA LYS A 562 14.28 -21.14 20.29
C LYS A 562 14.16 -22.60 19.89
N THR A 563 13.54 -23.45 20.71
CA THR A 563 13.35 -24.87 20.36
C THR A 563 12.60 -25.01 19.03
N PRO A 564 13.20 -25.63 18.02
CA PRO A 564 12.48 -25.78 16.74
C PRO A 564 11.27 -26.71 16.83
N VAL A 565 10.32 -26.46 15.95
CA VAL A 565 9.11 -27.27 15.81
C VAL A 565 9.49 -28.26 14.72
N THR A 566 9.32 -29.56 14.98
CA THR A 566 9.78 -30.58 14.04
C THR A 566 8.72 -31.15 13.12
N THR A 567 7.46 -30.78 13.34
CA THR A 567 6.36 -31.29 12.53
C THR A 567 5.23 -30.22 12.46
N TRP A 568 4.50 -30.19 11.35
CA TRP A 568 3.34 -29.31 11.20
C TRP A 568 2.25 -29.63 12.24
N GLU A 569 2.22 -30.88 12.77
CA GLU A 569 1.29 -31.25 13.83
C GLU A 569 1.48 -30.38 15.08
N ASN A 570 2.67 -29.78 15.27
CA ASN A 570 2.92 -28.87 16.39
C ASN A 570 2.81 -27.36 16.00
N VAL A 571 2.33 -27.06 14.80
CA VAL A 571 2.10 -25.68 14.34
C VAL A 571 0.62 -25.47 14.54
N PRO A 572 0.25 -24.55 15.42
CA PRO A 572 -1.16 -24.44 15.82
C PRO A 572 -2.14 -23.86 14.82
N TYR A 573 -3.40 -24.08 15.14
CA TYR A 573 -4.52 -23.52 14.41
C TYR A 573 -5.20 -22.53 15.35
N LEU A 574 -6.03 -21.66 14.78
CA LEU A 574 -6.95 -20.83 15.54
C LEU A 574 -7.97 -21.79 16.19
N GLY A 575 -8.64 -21.37 17.25
CA GLY A 575 -9.73 -22.15 17.83
C GLY A 575 -10.81 -22.33 16.77
N LYS A 576 -11.46 -23.51 16.72
CA LYS A 576 -12.44 -23.80 15.67
C LYS A 576 -13.53 -22.72 15.51
N ARG A 577 -14.02 -22.19 16.64
CA ARG A 577 -15.08 -21.17 16.63
C ARG A 577 -14.60 -19.88 15.96
N GLU A 578 -13.39 -19.43 16.27
CA GLU A 578 -12.81 -18.24 15.69
C GLU A 578 -12.51 -18.44 14.20
N ASP A 579 -12.01 -19.62 13.82
CA ASP A 579 -11.74 -19.94 12.41
C ASP A 579 -13.06 -19.83 11.62
N GLN A 580 -14.17 -20.38 12.18
CA GLN A 580 -15.50 -20.29 11.56
C GLN A 580 -16.01 -18.85 11.52
N TRP A 581 -15.89 -18.08 12.63
CA TRP A 581 -16.30 -16.66 12.67
C TRP A 581 -15.52 -15.86 11.60
N CYS A 582 -14.29 -16.25 11.31
CA CYS A 582 -13.45 -15.56 10.34
C CYS A 582 -13.48 -16.16 8.92
N GLY A 583 -14.52 -16.92 8.62
CA GLY A 583 -14.75 -17.40 7.27
C GLY A 583 -14.54 -18.85 6.93
N SER A 584 -14.07 -19.67 7.88
CA SER A 584 -13.83 -21.09 7.58
C SER A 584 -15.11 -21.83 7.18
N LEU A 585 -14.96 -22.75 6.24
CA LEU A 585 -16.04 -23.64 5.87
C LEU A 585 -15.97 -24.97 6.67
N ILE A 586 -15.05 -25.09 7.68
CA ILE A 586 -14.95 -26.30 8.54
C ILE A 586 -16.30 -26.54 9.21
N GLY A 587 -16.80 -27.77 9.08
CA GLY A 587 -18.11 -28.11 9.64
C GLY A 587 -19.18 -28.24 8.57
N LEU A 588 -18.95 -27.67 7.37
CA LEU A 588 -19.92 -27.79 6.27
C LEU A 588 -19.68 -29.05 5.46
N THR A 589 -20.76 -29.60 4.84
CA THR A 589 -20.71 -30.85 4.07
C THR A 589 -19.89 -30.70 2.80
N SER A 590 -20.05 -29.58 2.09
CA SER A 590 -19.29 -29.31 0.87
C SER A 590 -17.78 -29.25 1.17
N ARG A 591 -17.41 -28.74 2.35
CA ARG A 591 -16.02 -28.65 2.76
C ARG A 591 -15.49 -30.07 3.08
N ALA A 592 -16.28 -30.89 3.78
CA ALA A 592 -15.86 -32.27 4.09
C ALA A 592 -15.71 -33.10 2.80
N THR A 593 -16.58 -32.87 1.83
CA THR A 593 -16.55 -33.54 0.53
C THR A 593 -15.30 -33.12 -0.26
N TRP A 594 -14.97 -31.82 -0.19
CA TRP A 594 -13.76 -31.29 -0.81
C TRP A 594 -12.53 -31.93 -0.20
N ALA A 595 -12.44 -31.95 1.14
CA ALA A 595 -11.27 -32.48 1.83
C ALA A 595 -11.03 -33.94 1.51
N GLN A 596 -12.11 -34.72 1.42
CA GLN A 596 -12.07 -36.16 1.12
C GLN A 596 -11.62 -36.44 -0.32
N ASN A 597 -12.09 -35.65 -1.27
CA ASN A 597 -11.78 -35.86 -2.68
C ASN A 597 -10.65 -34.97 -3.24
N ILE A 598 -9.88 -34.27 -2.38
CA ILE A 598 -8.81 -33.40 -2.87
C ILE A 598 -7.67 -34.20 -3.59
N PRO A 599 -7.31 -35.46 -3.25
CA PRO A 599 -6.29 -36.18 -4.05
C PRO A 599 -6.66 -36.31 -5.52
N THR A 600 -7.96 -36.39 -5.83
CA THR A 600 -8.46 -36.51 -7.19
C THR A 600 -8.20 -35.21 -7.96
N ALA A 601 -8.53 -34.04 -7.35
CA ALA A 601 -8.28 -32.76 -8.03
C ALA A 601 -6.78 -32.50 -8.18
N ILE A 602 -5.97 -32.90 -7.19
CA ILE A 602 -4.51 -32.75 -7.26
C ILE A 602 -3.99 -33.56 -8.47
N GLN A 603 -4.47 -34.80 -8.60
CA GLN A 603 -4.07 -35.66 -9.71
C GLN A 603 -4.47 -35.09 -11.05
N GLN A 604 -5.64 -34.47 -11.15
CA GLN A 604 -6.09 -33.84 -12.38
C GLN A 604 -5.16 -32.70 -12.79
N VAL A 605 -4.70 -31.90 -11.81
CA VAL A 605 -3.79 -30.80 -12.11
C VAL A 605 -2.46 -31.38 -12.55
N ARG A 606 -1.96 -32.39 -11.84
CA ARG A 606 -0.69 -33.04 -12.19
C ARG A 606 -0.71 -33.58 -13.62
N SER A 607 -1.81 -34.24 -14.02
CA SER A 607 -1.96 -34.81 -15.37
CA SER A 607 -1.88 -34.82 -15.37
C SER A 607 -1.87 -33.75 -16.46
N LEU A 608 -2.42 -32.57 -16.19
CA LEU A 608 -2.40 -31.48 -17.15
C LEU A 608 -1.05 -30.78 -17.20
N ILE A 609 -0.35 -30.72 -16.06
CA ILE A 609 0.98 -30.12 -16.02
C ILE A 609 1.98 -31.00 -16.79
N GLY A 610 1.87 -32.32 -16.64
CA GLY A 610 2.75 -33.24 -17.35
C GLY A 610 3.63 -34.11 -16.49
N ASN A 611 4.61 -34.78 -17.13
CA ASN A 611 5.52 -35.69 -16.44
C ASN A 611 6.63 -34.95 -15.70
N GLU A 612 6.29 -34.37 -14.56
CA GLU A 612 7.23 -33.62 -13.73
C GLU A 612 7.37 -34.30 -12.36
N GLU A 613 8.33 -33.85 -11.55
CA GLU A 613 8.53 -34.41 -10.22
C GLU A 613 7.63 -33.70 -9.20
N PHE A 614 6.70 -34.43 -8.60
CA PHE A 614 5.78 -33.88 -7.59
C PHE A 614 5.99 -34.57 -6.24
N LEU A 615 5.57 -33.93 -5.15
CA LEU A 615 5.69 -34.48 -3.80
C LEU A 615 4.30 -34.48 -3.13
N ASP A 616 3.95 -35.57 -2.41
CA ASP A 616 2.66 -35.66 -1.73
C ASP A 616 2.69 -35.00 -0.35
N TYR A 617 2.00 -33.86 -0.20
CA TYR A 617 1.93 -33.16 1.09
C TYR A 617 0.65 -33.46 1.88
N MET A 618 -0.25 -34.32 1.36
CA MET A 618 -1.48 -34.66 2.07
C MET A 618 -1.23 -35.78 3.08
#